data_1MVX
#
_entry.id   1MVX
#
_cell.length_a   75.460
_cell.length_b   75.460
_cell.length_c   189.130
_cell.angle_alpha   90.00
_cell.angle_beta   90.00
_cell.angle_gamma   120.00
#
_symmetry.space_group_name_H-M   'P 61 2 2'
#
loop_
_entity.id
_entity.type
_entity.pdbx_description
1 polymer 'CRYPTIC LOCI REGULATOR 4'
2 non-polymer 'SULFATE ION'
3 non-polymer 'ZINC ION'
4 non-polymer 'NICKEL (II) ION'
5 water water
#
_entity_poly.entity_id   1
_entity_poly.type   'polypeptide(L)'
_entity_poly.pdbx_seq_one_letter_code
;SKLDSYTHLSFYEKRELFRKKLREIEGPEVTLVNEVDDEPCPSLDFQFISQYRLTQGVIPPDPNFQSGCNCSSLGGCDLN
NPSRCECLDDLDEPTHFAYDAQGRVRADTGAVIYECNSFCSCSMECPNRVVQRGRTLPLEIFKTKEKGWGVRSLRFAPAG
TFITCYLGEVITSAEAAKRDKNYDDDGITYLFDLDMFDDASEYTVDAQNYGDVSRFFNHSCSPNIAIYSAVRNHGFRTIY
DLAFFAIKDIQPLEELTFDYAGAKDFSPVQSQKSQQNRISKLRRQCKCGSANCRGWLFG
;
_entity_poly.pdbx_strand_id   A
#
loop_
_chem_comp.id
_chem_comp.type
_chem_comp.name
_chem_comp.formula
NI non-polymer 'NICKEL (II) ION' 'Ni 2'
SO4 non-polymer 'SULFATE ION' 'O4 S -2'
ZN non-polymer 'ZINC ION' 'Zn 2'
#
# COMPACT_ATOMS: atom_id res chain seq x y z
N LYS A 2 -21.72 -31.85 1.41
CA LYS A 2 -21.69 -32.85 2.50
C LYS A 2 -21.75 -32.16 3.86
N LEU A 3 -21.86 -30.84 3.84
CA LEU A 3 -21.93 -30.06 5.08
C LEU A 3 -23.34 -30.17 5.65
N ASP A 4 -23.43 -30.35 6.97
CA ASP A 4 -24.72 -30.49 7.60
C ASP A 4 -25.33 -29.11 7.82
N SER A 5 -26.63 -29.08 8.02
CA SER A 5 -27.36 -27.83 8.22
C SER A 5 -26.65 -26.80 9.09
N TYR A 6 -26.23 -27.19 10.29
CA TYR A 6 -25.56 -26.27 11.20
C TYR A 6 -24.29 -25.64 10.56
N THR A 7 -23.36 -26.49 10.13
CA THR A 7 -22.14 -26.03 9.50
C THR A 7 -22.45 -25.11 8.33
N HIS A 8 -23.27 -25.59 7.39
CA HIS A 8 -23.65 -24.79 6.23
C HIS A 8 -24.11 -23.41 6.64
N LEU A 9 -24.95 -23.33 7.66
CA LEU A 9 -25.42 -22.03 8.09
C LEU A 9 -24.24 -21.26 8.70
N SER A 10 -23.45 -21.93 9.52
CA SER A 10 -22.31 -21.30 10.15
C SER A 10 -21.44 -20.65 9.08
N PHE A 11 -21.08 -21.41 8.05
CA PHE A 11 -20.27 -20.86 6.97
C PHE A 11 -20.97 -19.67 6.33
N TYR A 12 -22.26 -19.81 6.06
CA TYR A 12 -23.02 -18.73 5.44
C TYR A 12 -22.82 -17.44 6.21
N GLU A 13 -23.10 -17.51 7.51
CA GLU A 13 -22.96 -16.37 8.38
C GLU A 13 -21.54 -15.84 8.48
N LYS A 14 -20.58 -16.73 8.41
CA LYS A 14 -19.22 -16.26 8.49
C LYS A 14 -18.86 -15.48 7.23
N ARG A 15 -19.30 -15.95 6.07
CA ARG A 15 -18.97 -15.22 4.85
C ARG A 15 -19.69 -13.88 4.84
N GLU A 16 -20.92 -13.87 5.34
CA GLU A 16 -21.66 -12.62 5.35
C GLU A 16 -21.05 -11.63 6.30
N LEU A 17 -20.46 -12.12 7.38
CA LEU A 17 -19.83 -11.23 8.34
C LEU A 17 -18.63 -10.56 7.69
N PHE A 18 -17.87 -11.34 6.94
CA PHE A 18 -16.69 -10.84 6.25
C PHE A 18 -17.12 -9.81 5.22
N ARG A 19 -18.23 -10.06 4.52
CA ARG A 19 -18.68 -9.10 3.53
C ARG A 19 -19.13 -7.80 4.21
N LYS A 20 -19.68 -7.93 5.41
CA LYS A 20 -20.11 -6.77 6.16
C LYS A 20 -18.86 -5.93 6.41
N LYS A 21 -17.84 -6.60 6.95
CA LYS A 21 -16.55 -6.01 7.29
C LYS A 21 -15.95 -5.21 6.12
N LEU A 22 -16.10 -5.74 4.91
CA LEU A 22 -15.57 -5.05 3.75
C LEU A 22 -16.45 -3.87 3.40
N ARG A 23 -17.76 -4.00 3.64
CA ARG A 23 -18.65 -2.87 3.31
C ARG A 23 -18.32 -1.63 4.11
N GLU A 24 -17.67 -1.82 5.25
CA GLU A 24 -17.31 -0.72 6.12
C GLU A 24 -15.98 -0.06 5.76
N ILE A 25 -15.34 -0.56 4.71
CA ILE A 25 -14.08 0.02 4.29
C ILE A 25 -14.45 1.30 3.57
N GLU A 26 -13.77 2.39 3.93
CA GLU A 26 -14.05 3.66 3.29
C GLU A 26 -13.29 3.71 1.97
N GLY A 27 -14.00 3.61 0.86
CA GLY A 27 -13.34 3.65 -0.42
C GLY A 27 -14.09 2.88 -1.49
N PRO A 28 -13.47 2.67 -2.66
CA PRO A 28 -14.15 1.92 -3.72
C PRO A 28 -14.57 0.57 -3.15
N GLU A 29 -15.45 -0.14 -3.84
CA GLU A 29 -15.90 -1.42 -3.34
C GLU A 29 -14.78 -2.47 -3.25
N VAL A 30 -14.98 -3.43 -2.36
CA VAL A 30 -14.04 -4.54 -2.16
C VAL A 30 -14.98 -5.75 -1.98
N THR A 31 -14.89 -6.73 -2.88
CA THR A 31 -15.77 -7.89 -2.79
C THR A 31 -15.08 -9.20 -2.44
N LEU A 32 -15.86 -10.18 -2.00
CA LEU A 32 -15.35 -11.50 -1.62
C LEU A 32 -16.00 -12.61 -2.43
N VAL A 33 -15.16 -13.42 -3.06
CA VAL A 33 -15.64 -14.51 -3.90
C VAL A 33 -14.87 -15.79 -3.67
N ASN A 34 -15.50 -16.93 -3.86
CA ASN A 34 -14.82 -18.21 -3.68
C ASN A 34 -15.44 -19.25 -4.61
N GLU A 35 -14.84 -19.39 -5.79
CA GLU A 35 -15.34 -20.35 -6.78
C GLU A 35 -14.50 -21.63 -6.76
N VAL A 36 -13.70 -21.81 -5.73
CA VAL A 36 -12.86 -22.99 -5.64
C VAL A 36 -13.33 -24.03 -4.63
N ASP A 37 -13.51 -23.64 -3.38
CA ASP A 37 -13.98 -24.61 -2.38
C ASP A 37 -15.10 -24.04 -1.56
N ASP A 38 -15.28 -24.57 -0.35
CA ASP A 38 -16.35 -24.09 0.50
C ASP A 38 -15.89 -23.26 1.69
N GLU A 39 -14.63 -22.82 1.67
CA GLU A 39 -14.11 -22.01 2.76
C GLU A 39 -14.85 -20.68 2.76
N PRO A 40 -15.52 -20.37 3.86
CA PRO A 40 -16.29 -19.13 4.02
C PRO A 40 -15.56 -17.89 3.56
N CYS A 41 -14.41 -17.65 4.18
CA CYS A 41 -13.62 -16.45 3.91
C CYS A 41 -12.33 -16.55 4.72
N PRO A 42 -11.43 -15.54 4.61
CA PRO A 42 -10.19 -15.61 5.39
C PRO A 42 -10.54 -15.33 6.85
N SER A 43 -9.60 -15.60 7.75
CA SER A 43 -9.82 -15.38 9.18
C SER A 43 -10.29 -13.95 9.42
N LEU A 44 -11.27 -13.78 10.30
CA LEU A 44 -11.82 -12.47 10.61
C LEU A 44 -11.07 -11.75 11.71
N ASP A 45 -10.18 -12.48 12.38
CA ASP A 45 -9.41 -11.93 13.48
C ASP A 45 -8.37 -10.88 13.05
N PHE A 46 -8.84 -9.77 12.51
CA PHE A 46 -7.94 -8.69 12.10
C PHE A 46 -8.82 -7.48 11.83
N GLN A 47 -8.24 -6.29 11.80
CA GLN A 47 -9.04 -5.09 11.56
C GLN A 47 -8.48 -4.23 10.41
N PHE A 48 -9.36 -3.84 9.50
CA PHE A 48 -8.99 -2.99 8.38
C PHE A 48 -8.68 -1.58 8.90
N ILE A 49 -7.60 -0.98 8.43
CA ILE A 49 -7.23 0.37 8.87
C ILE A 49 -6.91 1.21 7.64
N SER A 50 -6.72 2.52 7.81
CA SER A 50 -6.40 3.38 6.67
C SER A 50 -5.21 4.28 7.00
N GLN A 51 -4.51 3.93 8.07
CA GLN A 51 -3.37 4.68 8.54
C GLN A 51 -2.52 3.71 9.34
N TYR A 52 -1.20 3.95 9.36
CA TYR A 52 -0.36 3.06 10.13
C TYR A 52 -0.80 3.14 11.56
N ARG A 53 -0.61 2.05 12.29
CA ARG A 53 -0.96 2.01 13.70
C ARG A 53 0.39 1.92 14.38
N LEU A 54 0.72 2.91 15.19
CA LEU A 54 2.01 2.89 15.86
C LEU A 54 1.97 2.09 17.14
N THR A 55 3.11 1.50 17.50
CA THR A 55 3.18 0.70 18.70
C THR A 55 4.32 1.08 19.62
N GLN A 56 4.26 0.53 20.83
CA GLN A 56 5.26 0.76 21.86
C GLN A 56 6.70 0.73 21.36
N GLY A 57 7.48 1.72 21.78
CA GLY A 57 8.88 1.77 21.39
C GLY A 57 9.20 2.41 20.06
N VAL A 58 8.17 2.66 19.25
CA VAL A 58 8.38 3.27 17.94
C VAL A 58 8.22 4.79 17.97
N ILE A 59 9.29 5.49 17.62
CA ILE A 59 9.23 6.94 17.60
C ILE A 59 8.99 7.36 16.16
N PRO A 60 7.76 7.81 15.87
CA PRO A 60 7.33 8.27 14.54
C PRO A 60 7.95 9.59 14.15
N PRO A 61 8.12 9.83 12.83
CA PRO A 61 8.71 11.10 12.39
C PRO A 61 7.85 12.23 12.87
N ASP A 62 8.46 13.20 13.54
CA ASP A 62 7.74 14.35 14.06
C ASP A 62 7.30 15.26 12.92
N PRO A 63 6.00 15.53 12.82
CA PRO A 63 5.49 16.40 11.76
C PRO A 63 5.89 17.84 12.01
N ASN A 64 6.18 18.18 13.26
CA ASN A 64 6.57 19.53 13.61
C ASN A 64 7.71 20.07 12.76
N PHE A 65 8.69 19.21 12.46
CA PHE A 65 9.82 19.63 11.64
C PHE A 65 9.60 19.27 10.18
N GLN A 66 8.46 19.68 9.64
CA GLN A 66 8.17 19.40 8.25
C GLN A 66 8.23 20.62 7.35
N SER A 67 8.74 20.38 6.15
CA SER A 67 8.89 21.39 5.12
C SER A 67 7.59 21.46 4.34
N GLY A 68 7.08 22.67 4.11
CA GLY A 68 5.85 22.79 3.36
C GLY A 68 5.98 23.66 2.13
N CYS A 69 5.75 23.09 0.95
CA CYS A 69 5.86 23.87 -0.28
C CYS A 69 4.69 24.85 -0.38
N ASN A 70 4.99 26.07 -0.82
CA ASN A 70 3.97 27.08 -0.97
C ASN A 70 3.82 27.46 -2.42
N CYS A 71 4.32 26.60 -3.31
CA CYS A 71 4.26 26.85 -4.74
C CYS A 71 2.90 26.44 -5.33
N SER A 72 1.84 26.59 -4.54
CA SER A 72 0.49 26.26 -4.97
C SER A 72 -0.20 27.48 -5.54
N SER A 73 -0.17 27.63 -6.86
CA SER A 73 -0.80 28.74 -7.52
C SER A 73 -2.32 28.63 -7.36
N LEU A 74 -2.96 27.98 -8.33
CA LEU A 74 -4.41 27.77 -8.30
C LEU A 74 -4.71 26.30 -8.03
N GLY A 75 -4.48 25.46 -9.04
CA GLY A 75 -4.74 24.05 -8.87
C GLY A 75 -3.85 23.46 -7.81
N GLY A 76 -2.99 22.53 -8.21
CA GLY A 76 -2.09 21.90 -7.27
C GLY A 76 -0.77 22.64 -7.21
N CYS A 77 0.29 22.03 -7.74
CA CYS A 77 1.60 22.66 -7.74
C CYS A 77 2.17 22.79 -9.16
N ASP A 78 1.35 22.44 -10.15
CA ASP A 78 1.76 22.52 -11.55
C ASP A 78 2.98 21.65 -11.83
N LEU A 79 2.73 20.51 -12.47
CA LEU A 79 3.77 19.55 -12.80
C LEU A 79 4.80 20.06 -13.79
N ASN A 80 4.72 21.34 -14.14
CA ASN A 80 5.65 21.93 -15.10
C ASN A 80 6.73 22.74 -14.39
N ASN A 81 6.60 22.87 -13.08
CA ASN A 81 7.54 23.65 -12.30
C ASN A 81 8.34 22.83 -11.29
N PRO A 82 9.06 21.79 -11.78
CA PRO A 82 9.87 20.93 -10.92
C PRO A 82 10.84 21.72 -10.06
N SER A 83 11.07 22.97 -10.47
CA SER A 83 12.00 23.84 -9.77
C SER A 83 11.34 24.87 -8.86
N ARG A 84 10.09 24.63 -8.47
CA ARG A 84 9.37 25.54 -7.59
C ARG A 84 9.02 24.91 -6.26
N CYS A 85 8.85 23.58 -6.28
CA CYS A 85 8.48 22.86 -5.07
C CYS A 85 9.64 22.57 -4.10
N GLU A 86 9.35 22.76 -2.82
CA GLU A 86 10.34 22.54 -1.77
C GLU A 86 10.19 21.10 -1.30
N CYS A 87 9.24 20.40 -1.93
CA CYS A 87 8.99 19.00 -1.62
C CYS A 87 9.90 18.19 -2.48
N LEU A 88 10.45 18.86 -3.49
CA LEU A 88 11.36 18.22 -4.43
C LEU A 88 12.83 18.55 -4.16
N ASP A 89 13.05 19.51 -3.26
CA ASP A 89 14.42 19.91 -2.93
C ASP A 89 15.32 18.77 -2.46
N ASP A 90 14.74 17.60 -2.23
CA ASP A 90 15.52 16.45 -1.76
C ASP A 90 16.37 15.78 -2.83
N LEU A 91 16.35 16.35 -4.03
CA LEU A 91 17.13 15.82 -5.15
C LEU A 91 16.89 16.56 -6.46
N ASP A 92 17.98 17.06 -7.05
CA ASP A 92 17.88 17.76 -8.32
C ASP A 92 18.83 17.17 -9.35
N GLU A 93 18.27 16.38 -10.24
CA GLU A 93 19.01 15.74 -11.32
C GLU A 93 17.93 15.67 -12.40
N PRO A 94 17.45 14.47 -12.78
CA PRO A 94 16.42 14.64 -13.80
C PRO A 94 15.14 15.07 -13.05
N THR A 95 15.14 16.31 -12.58
CA THR A 95 14.03 16.88 -11.81
C THR A 95 12.65 16.77 -12.46
N HIS A 96 11.66 16.43 -11.64
CA HIS A 96 10.28 16.29 -12.11
C HIS A 96 9.36 15.73 -11.03
N PHE A 97 8.06 15.95 -11.18
CA PHE A 97 7.09 15.44 -10.23
C PHE A 97 6.90 13.95 -10.55
N ALA A 98 6.72 13.15 -9.51
CA ALA A 98 6.54 11.71 -9.69
C ALA A 98 5.41 11.33 -10.64
N TYR A 99 4.37 12.16 -10.72
CA TYR A 99 3.23 11.83 -11.58
C TYR A 99 2.99 12.73 -12.78
N ASP A 100 2.23 12.22 -13.73
CA ASP A 100 1.86 12.96 -14.92
C ASP A 100 0.50 13.58 -14.63
N ALA A 101 -0.16 14.08 -15.66
CA ALA A 101 -1.46 14.71 -15.49
C ALA A 101 -2.53 13.68 -15.14
N GLN A 102 -2.41 12.49 -15.72
CA GLN A 102 -3.36 11.41 -15.50
C GLN A 102 -3.36 10.92 -14.05
N GLY A 103 -2.33 11.31 -13.30
CA GLY A 103 -2.24 10.87 -11.93
C GLY A 103 -1.48 9.56 -11.84
N ARG A 104 -0.99 9.10 -12.98
CA ARG A 104 -0.25 7.85 -13.02
C ARG A 104 1.19 8.16 -12.68
N VAL A 105 1.93 7.15 -12.22
CA VAL A 105 3.33 7.34 -11.86
C VAL A 105 4.20 7.30 -13.11
N ARG A 106 4.78 8.45 -13.44
CA ARG A 106 5.64 8.58 -14.62
C ARG A 106 6.66 7.46 -14.69
N ALA A 107 7.11 7.15 -15.90
CA ALA A 107 8.09 6.08 -16.08
C ALA A 107 9.50 6.55 -15.77
N ASP A 108 9.69 7.85 -15.60
CA ASP A 108 11.00 8.37 -15.28
C ASP A 108 11.11 8.65 -13.79
N THR A 109 10.11 8.21 -13.03
CA THR A 109 10.11 8.41 -11.59
C THR A 109 10.76 7.19 -10.91
N GLY A 110 11.61 7.46 -9.93
CA GLY A 110 12.30 6.39 -9.22
C GLY A 110 11.53 5.67 -8.14
N ALA A 111 12.26 5.04 -7.22
CA ALA A 111 11.66 4.29 -6.13
C ALA A 111 11.30 5.18 -4.95
N VAL A 112 11.33 6.49 -5.17
CA VAL A 112 11.00 7.42 -4.10
C VAL A 112 10.07 8.53 -4.57
N ILE A 113 8.93 8.63 -3.90
CA ILE A 113 7.94 9.64 -4.23
C ILE A 113 7.82 10.68 -3.14
N TYR A 114 7.97 11.95 -3.52
CA TYR A 114 7.88 13.05 -2.60
C TYR A 114 6.53 13.77 -2.75
N GLU A 115 5.60 13.48 -1.85
CA GLU A 115 4.29 14.13 -1.92
C GLU A 115 4.21 15.35 -1.02
N CYS A 116 3.25 16.23 -1.34
CA CYS A 116 3.03 17.46 -0.58
C CYS A 116 2.51 17.15 0.82
N ASN A 117 2.87 18.00 1.78
CA ASN A 117 2.45 17.82 3.17
C ASN A 117 1.18 18.56 3.50
N SER A 118 0.79 18.47 4.77
CA SER A 118 -0.38 19.16 5.26
C SER A 118 0.06 20.60 5.49
N PHE A 119 1.38 20.80 5.46
CA PHE A 119 1.96 22.11 5.65
C PHE A 119 2.17 22.85 4.34
N CYS A 120 1.67 22.26 3.26
CA CYS A 120 1.76 22.89 1.95
C CYS A 120 0.45 23.68 1.80
N SER A 121 0.35 24.50 0.77
CA SER A 121 -0.83 25.33 0.57
C SER A 121 -1.82 24.85 -0.47
N CYS A 122 -1.47 23.79 -1.19
CA CYS A 122 -2.33 23.23 -2.23
C CYS A 122 -3.49 22.41 -1.68
N SER A 123 -4.56 22.29 -2.46
CA SER A 123 -5.73 21.54 -2.04
C SER A 123 -5.41 20.04 -2.16
N MET A 124 -6.36 19.21 -1.75
CA MET A 124 -6.18 17.76 -1.82
C MET A 124 -6.17 17.25 -3.25
N GLU A 125 -6.48 18.14 -4.19
CA GLU A 125 -6.49 17.80 -5.61
C GLU A 125 -5.12 18.07 -6.23
N CYS A 126 -4.20 18.65 -5.45
CA CYS A 126 -2.82 18.94 -5.91
C CYS A 126 -2.27 17.64 -6.52
N PRO A 127 -1.97 17.64 -7.84
CA PRO A 127 -1.44 16.47 -8.56
C PRO A 127 -0.30 15.74 -7.87
N ASN A 128 0.17 16.29 -6.75
CA ASN A 128 1.26 15.66 -6.02
C ASN A 128 0.77 15.08 -4.69
N ARG A 129 -0.50 14.70 -4.67
CA ARG A 129 -1.10 14.12 -3.48
C ARG A 129 -1.85 12.84 -3.85
N VAL A 130 -1.39 12.17 -4.91
CA VAL A 130 -2.03 10.94 -5.37
C VAL A 130 -2.19 9.94 -4.23
N VAL A 131 -1.08 9.36 -3.76
CA VAL A 131 -1.12 8.36 -2.68
C VAL A 131 -2.06 8.76 -1.55
N GLN A 132 -1.90 9.99 -1.06
CA GLN A 132 -2.74 10.53 0.00
C GLN A 132 -4.22 10.39 -0.29
N ARG A 133 -4.60 10.52 -1.56
CA ARG A 133 -6.00 10.41 -1.92
C ARG A 133 -6.55 8.99 -1.78
N GLY A 134 -5.67 8.00 -1.82
CA GLY A 134 -6.08 6.62 -1.62
C GLY A 134 -6.48 5.78 -2.81
N ARG A 135 -6.90 4.56 -2.52
CA ARG A 135 -7.32 3.61 -3.55
C ARG A 135 -8.41 4.24 -4.41
N THR A 136 -8.60 3.72 -5.60
CA THR A 136 -9.63 4.23 -6.49
C THR A 136 -10.16 3.03 -7.25
N LEU A 137 -9.43 1.92 -7.16
CA LEU A 137 -9.85 0.71 -7.84
C LEU A 137 -10.70 -0.20 -6.97
N PRO A 138 -11.79 -0.73 -7.53
CA PRO A 138 -12.64 -1.64 -6.77
C PRO A 138 -11.96 -3.00 -6.87
N LEU A 139 -11.61 -3.60 -5.74
CA LEU A 139 -10.93 -4.89 -5.76
C LEU A 139 -11.76 -6.05 -5.21
N GLU A 140 -11.33 -7.26 -5.54
CA GLU A 140 -12.03 -8.45 -5.10
C GLU A 140 -11.13 -9.50 -4.49
N ILE A 141 -11.40 -9.86 -3.24
CA ILE A 141 -10.62 -10.91 -2.57
C ILE A 141 -11.21 -12.23 -3.05
N PHE A 142 -10.37 -13.09 -3.62
CA PHE A 142 -10.87 -14.36 -4.13
C PHE A 142 -10.00 -15.52 -3.72
N LYS A 143 -10.50 -16.73 -3.89
CA LYS A 143 -9.77 -17.93 -3.53
C LYS A 143 -9.07 -18.46 -4.76
N THR A 144 -7.75 -18.55 -4.70
CA THR A 144 -7.00 -19.07 -5.84
C THR A 144 -7.05 -20.56 -5.68
N LYS A 145 -6.66 -21.30 -6.72
CA LYS A 145 -6.71 -22.75 -6.62
C LYS A 145 -5.58 -23.34 -5.79
N GLU A 146 -4.34 -23.02 -6.14
CA GLU A 146 -3.21 -23.58 -5.41
C GLU A 146 -2.63 -22.70 -4.31
N LYS A 147 -2.92 -21.41 -4.35
CA LYS A 147 -2.43 -20.51 -3.33
C LYS A 147 -3.62 -20.19 -2.46
N GLY A 148 -3.41 -19.46 -1.38
CA GLY A 148 -4.54 -19.15 -0.52
C GLY A 148 -5.44 -18.17 -1.23
N TRP A 149 -5.87 -17.16 -0.49
CA TRP A 149 -6.72 -16.12 -1.04
C TRP A 149 -5.85 -15.10 -1.76
N GLY A 150 -6.42 -14.48 -2.77
CA GLY A 150 -5.69 -13.47 -3.50
C GLY A 150 -6.59 -12.28 -3.72
N VAL A 151 -6.11 -11.32 -4.50
CA VAL A 151 -6.90 -10.14 -4.80
C VAL A 151 -6.65 -9.80 -6.27
N ARG A 152 -7.72 -9.59 -7.02
CA ARG A 152 -7.60 -9.23 -8.41
C ARG A 152 -8.35 -7.94 -8.58
N SER A 153 -8.08 -7.22 -9.66
CA SER A 153 -8.77 -5.98 -9.87
C SER A 153 -10.08 -6.31 -10.56
N LEU A 154 -11.03 -5.38 -10.46
CA LEU A 154 -12.33 -5.51 -11.06
C LEU A 154 -12.43 -4.59 -12.27
N ARG A 155 -11.42 -3.72 -12.42
CA ARG A 155 -11.36 -2.78 -13.52
C ARG A 155 -9.99 -2.86 -14.16
N PHE A 156 -9.89 -2.32 -15.37
CA PHE A 156 -8.65 -2.28 -16.11
C PHE A 156 -7.79 -1.18 -15.47
N ALA A 157 -6.53 -1.48 -15.22
CA ALA A 157 -5.64 -0.49 -14.63
C ALA A 157 -4.42 -0.25 -15.51
N PRO A 158 -4.24 0.99 -15.98
CA PRO A 158 -3.11 1.35 -16.83
C PRO A 158 -1.83 1.26 -15.99
N ALA A 159 -0.78 0.71 -16.59
CA ALA A 159 0.49 0.59 -15.89
C ALA A 159 0.78 1.99 -15.37
N GLY A 160 1.27 2.07 -14.14
CA GLY A 160 1.58 3.37 -13.56
C GLY A 160 0.49 3.89 -12.65
N THR A 161 -0.60 3.13 -12.54
CA THR A 161 -1.74 3.50 -11.69
C THR A 161 -1.49 3.13 -10.24
N PHE A 162 -1.84 4.04 -9.32
CA PHE A 162 -1.67 3.77 -7.89
C PHE A 162 -2.73 2.75 -7.52
N ILE A 163 -2.42 1.92 -6.53
CA ILE A 163 -3.34 0.90 -6.11
C ILE A 163 -3.68 1.00 -4.64
N THR A 164 -2.68 0.98 -3.78
CA THR A 164 -2.92 1.07 -2.35
C THR A 164 -1.62 0.93 -1.59
N CYS A 165 -1.61 1.37 -0.34
CA CYS A 165 -0.41 1.27 0.47
C CYS A 165 -0.50 0.03 1.34
N TYR A 166 0.66 -0.50 1.72
CA TYR A 166 0.67 -1.66 2.59
C TYR A 166 0.56 -1.11 4.01
N LEU A 167 -0.60 -1.24 4.64
CA LEU A 167 -0.78 -0.72 5.98
C LEU A 167 -0.61 -1.78 7.05
N GLY A 168 -0.50 -1.34 8.31
CA GLY A 168 -0.33 -2.27 9.41
C GLY A 168 0.34 -1.63 10.62
N GLU A 169 0.66 -2.44 11.61
CA GLU A 169 1.33 -1.95 12.81
C GLU A 169 2.80 -1.71 12.55
N VAL A 170 3.30 -0.56 12.97
CA VAL A 170 4.71 -0.26 12.80
C VAL A 170 5.39 -0.76 14.05
N ILE A 171 6.19 -1.82 13.93
CA ILE A 171 6.88 -2.36 15.08
C ILE A 171 8.38 -2.28 14.88
N THR A 172 9.13 -2.23 15.97
CA THR A 172 10.59 -2.15 15.93
C THR A 172 11.12 -3.53 15.59
N SER A 173 12.20 -3.58 14.80
CA SER A 173 12.80 -4.86 14.41
C SER A 173 13.11 -5.71 15.62
N ALA A 174 12.94 -5.15 16.80
CA ALA A 174 13.15 -5.91 18.01
C ALA A 174 11.92 -6.80 18.16
N GLU A 175 10.80 -6.20 18.53
CA GLU A 175 9.54 -6.95 18.68
C GLU A 175 9.23 -7.76 17.44
N ALA A 176 9.74 -7.30 16.30
CA ALA A 176 9.52 -8.00 15.04
C ALA A 176 9.95 -9.44 15.30
N ALA A 177 11.20 -9.59 15.73
CA ALA A 177 11.77 -10.90 16.02
C ALA A 177 11.02 -11.59 17.17
N LYS A 178 10.44 -10.81 18.08
CA LYS A 178 9.69 -11.38 19.18
C LYS A 178 8.52 -12.16 18.59
N ARG A 179 7.90 -11.56 17.58
CA ARG A 179 6.76 -12.17 16.90
C ARG A 179 7.24 -13.34 16.04
N ASP A 180 8.43 -13.20 15.46
CA ASP A 180 9.01 -14.27 14.64
C ASP A 180 9.19 -15.53 15.46
N LYS A 181 9.25 -15.37 16.78
CA LYS A 181 9.42 -16.48 17.70
C LYS A 181 8.05 -17.07 18.03
N ASN A 182 7.01 -16.41 17.53
CA ASN A 182 5.64 -16.85 17.77
C ASN A 182 4.98 -17.40 16.51
N TYR A 183 5.49 -17.03 15.34
CA TYR A 183 4.92 -17.52 14.09
C TYR A 183 5.03 -19.04 14.06
N ASP A 184 3.89 -19.71 14.20
CA ASP A 184 3.86 -21.17 14.20
C ASP A 184 3.66 -21.65 12.76
N ASP A 185 2.68 -22.53 12.53
CA ASP A 185 2.41 -23.01 11.17
C ASP A 185 1.67 -21.94 10.39
N ASP A 186 2.27 -20.76 10.29
CA ASP A 186 1.69 -19.63 9.57
C ASP A 186 2.07 -19.76 8.10
N GLY A 187 1.06 -19.92 7.23
CA GLY A 187 1.32 -20.04 5.81
C GLY A 187 1.88 -18.74 5.27
N ILE A 188 1.43 -17.64 5.86
CA ILE A 188 1.88 -16.31 5.46
C ILE A 188 2.26 -15.47 6.69
N THR A 189 3.39 -14.76 6.57
CA THR A 189 3.88 -13.89 7.64
C THR A 189 3.99 -12.48 7.07
N TYR A 190 2.93 -11.71 7.28
CA TYR A 190 2.79 -10.35 6.80
C TYR A 190 3.81 -9.31 7.28
N LEU A 191 5.12 -9.55 7.08
CA LEU A 191 6.12 -8.58 7.53
C LEU A 191 6.69 -7.78 6.38
N PHE A 192 6.94 -6.50 6.61
CA PHE A 192 7.49 -5.63 5.59
C PHE A 192 8.46 -4.62 6.19
N ASP A 193 9.76 -4.87 6.02
CA ASP A 193 10.79 -3.99 6.56
C ASP A 193 10.87 -2.62 5.88
N LEU A 194 10.95 -1.57 6.70
CA LEU A 194 11.04 -0.18 6.24
C LEU A 194 12.51 0.26 6.23
N ASP A 195 13.31 -0.43 5.43
CA ASP A 195 14.73 -0.14 5.33
C ASP A 195 15.15 0.45 4.01
N MET A 196 14.28 1.24 3.39
CA MET A 196 14.63 1.84 2.11
C MET A 196 15.83 2.76 2.29
N PHE A 197 15.95 3.35 3.47
CA PHE A 197 17.03 4.28 3.75
C PHE A 197 17.99 3.80 4.84
N ASP A 198 18.11 4.59 5.90
CA ASP A 198 18.99 4.23 7.01
C ASP A 198 18.48 2.97 7.68
N ASP A 199 19.38 2.10 8.11
CA ASP A 199 18.98 0.87 8.76
C ASP A 199 19.06 1.00 10.29
N ALA A 200 19.19 2.23 10.75
CA ALA A 200 19.27 2.48 12.19
C ALA A 200 17.93 2.35 12.87
N SER A 201 16.88 2.86 12.22
CA SER A 201 15.53 2.80 12.75
C SER A 201 15.05 1.36 12.84
N GLU A 202 15.35 0.58 11.81
CA GLU A 202 14.96 -0.82 11.77
C GLU A 202 13.49 -0.99 12.15
N TYR A 203 12.61 -0.35 11.39
CA TYR A 203 11.19 -0.43 11.64
C TYR A 203 10.52 -1.32 10.61
N THR A 204 9.47 -2.02 11.04
CA THR A 204 8.75 -2.91 10.16
C THR A 204 7.24 -2.75 10.25
N VAL A 205 6.55 -3.08 9.16
CA VAL A 205 5.11 -3.01 9.14
C VAL A 205 4.55 -4.42 9.22
N ASP A 206 3.66 -4.64 10.18
CA ASP A 206 3.06 -5.95 10.35
C ASP A 206 1.54 -5.82 10.19
N ALA A 207 0.97 -6.60 9.27
CA ALA A 207 -0.46 -6.53 9.02
C ALA A 207 -1.21 -7.77 9.52
N GLN A 208 -0.58 -8.50 10.44
CA GLN A 208 -1.17 -9.70 11.02
C GLN A 208 -2.52 -9.39 11.66
N ASN A 209 -2.63 -8.25 12.33
CA ASN A 209 -3.88 -7.89 13.03
C ASN A 209 -4.55 -6.60 12.54
N TYR A 210 -3.78 -5.75 11.89
CA TYR A 210 -4.33 -4.51 11.37
C TYR A 210 -3.74 -4.38 9.99
N GLY A 211 -4.52 -3.86 9.04
CA GLY A 211 -3.96 -3.71 7.70
C GLY A 211 -4.97 -3.27 6.67
N ASP A 212 -4.54 -3.28 5.41
CA ASP A 212 -5.38 -2.89 4.30
C ASP A 212 -5.62 -4.10 3.41
N VAL A 213 -6.51 -3.96 2.44
CA VAL A 213 -6.84 -5.05 1.53
C VAL A 213 -5.56 -5.70 1.07
N SER A 214 -4.57 -4.89 0.76
CA SER A 214 -3.28 -5.39 0.29
C SER A 214 -2.69 -6.49 1.17
N ARG A 215 -3.22 -6.67 2.38
CA ARG A 215 -2.69 -7.73 3.25
C ARG A 215 -3.03 -9.07 2.64
N PHE A 216 -3.73 -9.04 1.52
CA PHE A 216 -4.13 -10.27 0.85
C PHE A 216 -3.38 -10.53 -0.46
N PHE A 217 -2.59 -9.54 -0.86
CA PHE A 217 -1.79 -9.63 -2.08
C PHE A 217 -0.82 -10.81 -2.05
N ASN A 218 -0.63 -11.47 -3.18
CA ASN A 218 0.27 -12.62 -3.24
C ASN A 218 1.60 -12.29 -3.88
N HIS A 219 2.62 -13.07 -3.52
CA HIS A 219 3.95 -12.87 -4.08
C HIS A 219 4.01 -13.60 -5.39
N SER A 220 4.89 -13.18 -6.27
CA SER A 220 5.04 -13.81 -7.57
C SER A 220 6.35 -13.42 -8.21
N CYS A 221 6.70 -14.13 -9.29
CA CYS A 221 7.94 -13.84 -9.99
C CYS A 221 7.70 -12.78 -11.07
N SER A 222 6.52 -12.79 -11.65
CA SER A 222 6.17 -11.83 -12.70
C SER A 222 5.04 -10.91 -12.21
N PRO A 223 5.32 -10.12 -11.16
CA PRO A 223 4.39 -9.18 -10.54
C PRO A 223 3.85 -8.10 -11.47
N ASN A 224 2.70 -7.55 -11.13
CA ASN A 224 2.11 -6.48 -11.92
C ASN A 224 2.03 -5.21 -11.08
N ILE A 225 2.48 -5.27 -9.83
CA ILE A 225 2.47 -4.10 -8.96
C ILE A 225 3.78 -4.07 -8.19
N ALA A 226 4.22 -2.89 -7.78
CA ALA A 226 5.47 -2.81 -7.01
C ALA A 226 5.47 -1.64 -6.03
N ILE A 227 6.19 -1.82 -4.92
CA ILE A 227 6.28 -0.81 -3.86
C ILE A 227 7.07 0.45 -4.20
N TYR A 228 6.46 1.59 -3.92
CA TYR A 228 7.05 2.90 -4.16
C TYR A 228 7.08 3.59 -2.80
N SER A 229 8.28 3.90 -2.32
CA SER A 229 8.45 4.55 -1.03
C SER A 229 8.08 6.02 -1.12
N ALA A 230 6.81 6.33 -0.83
CA ALA A 230 6.37 7.71 -0.89
C ALA A 230 6.57 8.35 0.48
N VAL A 231 7.18 9.53 0.51
CA VAL A 231 7.44 10.22 1.76
C VAL A 231 6.87 11.63 1.77
N ARG A 232 6.45 12.07 2.95
CA ARG A 232 5.89 13.41 3.12
C ARG A 232 6.82 14.21 4.05
N ASN A 233 7.29 13.58 5.13
CA ASN A 233 8.22 14.24 6.04
C ASN A 233 9.57 14.02 5.38
N HIS A 234 9.84 14.79 4.33
CA HIS A 234 11.09 14.68 3.57
C HIS A 234 12.36 14.63 4.40
N GLY A 235 12.31 15.14 5.63
CA GLY A 235 13.48 15.15 6.47
C GLY A 235 13.73 13.93 7.36
N PHE A 236 12.69 13.15 7.62
CA PHE A 236 12.84 11.98 8.49
C PHE A 236 12.12 10.75 7.94
N ARG A 237 12.87 9.95 7.20
CA ARG A 237 12.38 8.74 6.55
C ARG A 237 12.52 7.48 7.41
N THR A 238 12.25 7.62 8.70
CA THR A 238 12.33 6.49 9.61
C THR A 238 11.07 5.65 9.34
N ILE A 239 10.05 6.32 8.80
CA ILE A 239 8.76 5.73 8.44
C ILE A 239 8.22 6.45 7.20
N TYR A 240 7.71 5.69 6.25
CA TYR A 240 7.17 6.27 5.02
C TYR A 240 6.08 5.35 4.50
N ASP A 241 5.40 5.77 3.44
CA ASP A 241 4.34 4.94 2.89
C ASP A 241 4.82 3.93 1.87
N LEU A 242 4.32 2.70 2.02
CA LEU A 242 4.60 1.60 1.11
C LEU A 242 3.47 1.67 0.09
N ALA A 243 3.78 2.19 -1.08
CA ALA A 243 2.80 2.34 -2.14
C ALA A 243 2.92 1.28 -3.20
N PHE A 244 1.76 0.78 -3.62
CA PHE A 244 1.68 -0.22 -4.66
C PHE A 244 1.15 0.49 -5.90
N PHE A 245 1.91 0.42 -6.99
CA PHE A 245 1.50 1.02 -8.24
C PHE A 245 1.53 -0.11 -9.24
N ALA A 246 0.74 0.00 -10.29
CA ALA A 246 0.73 -1.05 -11.29
C ALA A 246 1.97 -0.83 -12.14
N ILE A 247 2.78 -1.86 -12.33
CA ILE A 247 3.96 -1.72 -13.17
C ILE A 247 3.58 -1.97 -14.63
N LYS A 248 2.55 -2.78 -14.84
CA LYS A 248 2.06 -3.03 -16.19
C LYS A 248 0.54 -3.08 -16.22
N ASP A 249 -0.04 -2.91 -17.39
CA ASP A 249 -1.48 -2.95 -17.54
C ASP A 249 -2.11 -4.12 -16.83
N ILE A 250 -3.09 -3.83 -15.99
CA ILE A 250 -3.79 -4.87 -15.26
C ILE A 250 -5.20 -5.08 -15.83
N GLN A 251 -5.41 -6.27 -16.40
CA GLN A 251 -6.70 -6.62 -16.99
C GLN A 251 -7.75 -6.84 -15.93
N PRO A 252 -9.00 -6.50 -16.22
CA PRO A 252 -10.06 -6.70 -15.23
C PRO A 252 -10.08 -8.17 -14.81
N LEU A 253 -10.23 -8.41 -13.52
CA LEU A 253 -10.26 -9.76 -12.96
C LEU A 253 -8.89 -10.40 -12.95
N GLU A 254 -7.85 -9.59 -13.08
CA GLU A 254 -6.47 -10.10 -13.06
C GLU A 254 -5.96 -10.03 -11.63
N GLU A 255 -5.38 -11.12 -11.15
CA GLU A 255 -4.85 -11.15 -9.79
C GLU A 255 -3.65 -10.22 -9.67
N LEU A 256 -3.58 -9.49 -8.57
CA LEU A 256 -2.48 -8.57 -8.30
C LEU A 256 -1.41 -9.32 -7.52
N THR A 257 -0.16 -9.19 -7.95
CA THR A 257 0.95 -9.83 -7.27
C THR A 257 2.19 -8.94 -7.27
N PHE A 258 3.06 -9.13 -6.29
CA PHE A 258 4.27 -8.32 -6.17
C PHE A 258 5.45 -9.15 -5.66
N ASP A 259 6.60 -8.50 -5.55
CA ASP A 259 7.80 -9.13 -5.02
C ASP A 259 8.81 -8.01 -4.81
N TYR A 260 8.82 -7.48 -3.60
CA TYR A 260 9.70 -6.40 -3.21
C TYR A 260 11.15 -6.69 -3.61
N ALA A 261 11.78 -5.69 -4.21
CA ALA A 261 13.18 -5.81 -4.65
C ALA A 261 13.90 -4.53 -4.25
N GLY A 262 13.14 -3.62 -3.64
CA GLY A 262 13.70 -2.35 -3.20
C GLY A 262 14.08 -1.48 -4.38
N ALA A 263 15.10 -0.65 -4.18
CA ALA A 263 15.59 0.21 -5.25
C ALA A 263 16.55 -0.61 -6.08
N LYS A 264 16.49 -1.93 -5.89
CA LYS A 264 17.36 -2.87 -6.59
C LYS A 264 16.63 -3.58 -7.73
N ASP A 265 15.69 -2.86 -8.35
CA ASP A 265 14.92 -3.37 -9.47
C ASP A 265 14.31 -2.18 -10.19
N PHE A 266 14.31 -1.04 -9.50
CA PHE A 266 13.78 0.20 -10.03
C PHE A 266 14.77 0.84 -10.98
N SER A 267 15.62 1.68 -10.41
CA SER A 267 16.64 2.42 -11.14
C SER A 267 17.60 1.64 -12.05
N PRO A 268 17.54 0.29 -12.04
CA PRO A 268 18.48 -0.38 -12.93
C PRO A 268 17.80 -1.10 -14.08
N VAL A 269 18.30 -0.90 -15.29
CA VAL A 269 17.75 -1.60 -16.43
C VAL A 269 18.52 -2.91 -16.37
N GLN A 270 19.58 -2.87 -15.56
CA GLN A 270 20.46 -4.00 -15.36
C GLN A 270 19.92 -4.84 -14.21
S SO4 B . 0.98 15.26 7.00
O1 SO4 B . 1.94 16.39 6.36
O2 SO4 B . 1.66 14.01 6.73
O3 SO4 B . 0.82 15.48 8.27
O4 SO4 B . -0.20 15.35 6.18
ZN ZN C . 4.28 20.50 -1.21
ZN ZN D . 1.35 20.34 -3.57
ZN ZN E . 4.78 22.32 -4.87
NI NI F . -22.02 -16.69 -2.52
#